data_8V9B
#
_entry.id   8V9B
#
_cell.length_a   49.271
_cell.length_b   49.271
_cell.length_c   63.824
_cell.angle_alpha   90.00
_cell.angle_beta   90.00
_cell.angle_gamma   120.00
#
_symmetry.space_group_name_H-M   'P 31'
#
loop_
_entity.id
_entity.type
_entity.pdbx_description
1 polymer Apolipoprotein(a)
2 non-polymer 'SULFATE ION'
3 non-polymer 'MAGNESIUM ION'
4 non-polymer "(2S,2'S)-3,3'-[carbonylbis(azanediyl-3,1-phenylene)]bis{2-[(3R)-pyrrolidin-1-ium-3-yl]propanoate}"
5 water water
#
_entity_poly.entity_id   1
_entity_poly.type   'polypeptide(L)'
_entity_poly.pdbx_seq_one_letter_code
;MAPTEQSPTVQDCYHGDGQSYRGSFSTTVTGRTCQSWSSMTPHWHQRTTEYYPNGGLTRNYCRNPDAEIRPWCYTMDPSV
RWEYCNLTQCPVMEST
;
_entity_poly.pdbx_strand_id   A,B
#
# COMPACT_ATOMS: atom_id res chain seq x y z
N ASP A 12 3.12 -28.25 -12.44
CA ASP A 12 3.49 -27.33 -11.34
C ASP A 12 2.31 -27.03 -10.44
N CYS A 13 2.59 -26.94 -9.13
CA CYS A 13 1.56 -26.87 -8.11
C CYS A 13 2.23 -26.41 -6.81
N TYR A 14 1.43 -26.04 -5.82
CA TYR A 14 1.93 -25.63 -4.51
C TYR A 14 1.42 -26.55 -3.41
N HIS A 15 2.22 -26.63 -2.36
CA HIS A 15 1.83 -27.37 -1.14
C HIS A 15 1.30 -26.40 -0.08
N GLY A 16 0.41 -26.92 0.78
CA GLY A 16 -0.20 -26.13 1.85
C GLY A 16 -0.94 -24.92 1.29
N ASP A 17 -0.68 -23.75 1.87
CA ASP A 17 -1.23 -22.49 1.34
C ASP A 17 -0.26 -21.81 0.36
N GLY A 18 0.81 -22.51 -0.02
CA GLY A 18 1.73 -21.98 -0.99
C GLY A 18 2.78 -21.02 -0.49
N GLN A 19 2.87 -20.80 0.82
CA GLN A 19 3.98 -20.01 1.37
C GLN A 19 5.34 -20.64 1.01
N SER A 20 5.36 -21.95 0.83
CA SER A 20 6.61 -22.67 0.51
C SER A 20 6.89 -22.78 -0.98
N TYR A 21 5.98 -22.30 -1.83
CA TYR A 21 6.16 -22.46 -3.27
C TYR A 21 7.39 -21.67 -3.75
N ARG A 22 8.26 -22.34 -4.49
CA ARG A 22 9.52 -21.72 -4.93
C ARG A 22 9.82 -21.97 -6.40
N GLY A 23 8.77 -22.36 -7.15
CA GLY A 23 8.97 -22.60 -8.59
C GLY A 23 8.97 -21.29 -9.38
N SER A 24 8.96 -21.42 -10.71
CA SER A 24 9.10 -20.25 -11.56
C SER A 24 7.80 -19.84 -12.26
N PHE A 25 6.65 -20.39 -11.84
CA PHE A 25 5.39 -19.95 -12.44
C PHE A 25 5.19 -18.45 -12.14
N SER A 26 4.72 -17.68 -13.14
CA SER A 26 4.72 -16.21 -13.01
C SER A 26 3.57 -15.55 -13.71
N THR A 27 2.45 -16.26 -13.84
CA THR A 27 1.29 -15.68 -14.51
C THR A 27 0.01 -15.93 -13.72
N THR A 28 -0.98 -15.10 -13.97
CA THR A 28 -2.14 -15.06 -13.11
C THR A 28 -3.30 -15.89 -13.62
N VAL A 29 -4.34 -15.98 -12.79
CA VAL A 29 -5.53 -16.74 -13.16
C VAL A 29 -6.25 -16.16 -14.40
N THR A 30 -5.97 -14.90 -14.76
CA THR A 30 -6.56 -14.32 -15.97
C THR A 30 -5.58 -14.16 -17.10
N GLY A 31 -4.40 -14.79 -16.97
CA GLY A 31 -3.37 -14.76 -18.00
C GLY A 31 -2.63 -13.45 -18.05
N ARG A 32 -2.58 -12.70 -16.96
CA ARG A 32 -1.70 -11.54 -16.90
C ARG A 32 -0.32 -11.93 -16.42
N THR A 33 0.65 -11.07 -16.74
CA THR A 33 2.05 -11.30 -16.36
C THR A 33 2.31 -10.71 -14.97
N CYS A 34 2.99 -11.47 -14.11
CA CYS A 34 3.36 -10.92 -12.79
C CYS A 34 4.43 -9.82 -12.93
N GLN A 35 4.32 -8.84 -12.05
CA GLN A 35 5.32 -7.79 -11.87
C GLN A 35 6.44 -8.33 -10.99
N SER A 36 7.68 -7.89 -11.26
CA SER A 36 8.79 -8.25 -10.39
C SER A 36 8.61 -7.65 -9.00
N TRP A 37 8.90 -8.48 -7.98
CA TRP A 37 8.80 -8.05 -6.58
C TRP A 37 9.66 -6.85 -6.27
N SER A 38 10.82 -6.76 -6.89
CA SER A 38 11.73 -5.65 -6.60
C SER A 38 11.30 -4.35 -7.28
N SER A 39 10.39 -4.42 -8.26
CA SER A 39 9.90 -3.25 -9.02
C SER A 39 8.73 -2.58 -8.30
N MET A 40 8.65 -1.25 -8.40
CA MET A 40 7.52 -0.45 -7.91
C MET A 40 6.63 0.00 -9.07
N THR A 41 6.82 -0.59 -10.25
CA THR A 41 6.06 -0.20 -11.42
C THR A 41 5.50 -1.44 -12.12
N PRO A 42 4.23 -1.44 -12.54
CA PRO A 42 3.29 -0.33 -12.38
C PRO A 42 2.75 -0.13 -10.96
N HIS A 43 2.92 -1.11 -10.06
CA HIS A 43 2.34 -1.00 -8.73
C HIS A 43 3.39 -0.78 -7.67
N TRP A 44 3.20 0.28 -6.87
CA TRP A 44 4.00 0.50 -5.70
C TRP A 44 3.55 -0.49 -4.62
N HIS A 45 4.50 -1.04 -3.86
CA HIS A 45 4.14 -1.99 -2.80
C HIS A 45 5.29 -2.14 -1.82
N GLN A 46 5.02 -2.90 -0.76
CA GLN A 46 6.02 -3.20 0.27
C GLN A 46 6.21 -4.71 0.48
N ARG A 47 5.96 -5.50 -0.57
CA ARG A 47 6.25 -6.95 -0.51
C ARG A 47 7.54 -7.20 -1.30
N THR A 48 8.65 -6.73 -0.73
CA THR A 48 9.96 -6.92 -1.35
C THR A 48 10.72 -7.94 -0.49
N THR A 49 11.81 -8.43 -1.03
CA THR A 49 12.62 -9.41 -0.33
C THR A 49 13.24 -8.87 0.99
N GLU A 50 13.49 -7.56 1.07
CA GLU A 50 13.94 -6.96 2.32
C GLU A 50 12.84 -6.96 3.40
N TYR A 51 11.59 -6.68 3.01
CA TYR A 51 10.49 -6.66 3.98
C TYR A 51 10.11 -8.07 4.41
N TYR A 52 10.15 -9.01 3.45
CA TYR A 52 9.73 -10.40 3.69
C TYR A 52 10.87 -11.34 3.30
N PRO A 53 11.92 -11.39 4.12
CA PRO A 53 13.11 -12.18 3.72
C PRO A 53 12.88 -13.69 3.65
N ASN A 54 11.81 -14.19 4.27
CA ASN A 54 11.51 -15.62 4.21
C ASN A 54 10.57 -15.96 3.07
N GLY A 55 10.27 -14.98 2.20
CA GLY A 55 9.22 -15.17 1.20
C GLY A 55 9.68 -15.74 -0.12
N GLY A 56 11.00 -15.83 -0.34
CA GLY A 56 11.50 -16.27 -1.63
C GLY A 56 11.18 -15.32 -2.77
N LEU A 57 11.11 -14.02 -2.46
CA LEU A 57 10.64 -13.04 -3.46
C LEU A 57 11.75 -12.70 -4.45
N THR A 58 11.74 -13.37 -5.61
CA THR A 58 12.78 -13.23 -6.63
C THR A 58 12.06 -13.10 -7.97
N ARG A 59 12.68 -12.35 -8.87
CA ARG A 59 12.18 -12.12 -10.22
C ARG A 59 10.70 -11.73 -10.11
N ASN A 60 9.82 -12.33 -10.91
CA ASN A 60 8.38 -12.04 -10.87
C ASN A 60 7.62 -13.31 -10.57
N TYR A 61 8.26 -14.23 -9.85
CA TYR A 61 7.63 -15.54 -9.66
C TYR A 61 6.53 -15.52 -8.61
N CYS A 62 5.47 -16.28 -8.83
CA CYS A 62 4.34 -16.38 -7.89
C CYS A 62 4.84 -16.79 -6.53
N ARG A 63 4.43 -16.08 -5.49
CA ARG A 63 4.84 -16.36 -4.13
C ARG A 63 3.70 -16.09 -3.16
N ASN A 64 3.93 -16.26 -1.86
CA ASN A 64 2.90 -15.94 -0.90
C ASN A 64 3.56 -15.45 0.39
N PRO A 65 4.16 -14.26 0.34
CA PRO A 65 5.04 -13.85 1.46
C PRO A 65 4.27 -13.44 2.71
N ASP A 66 2.99 -13.11 2.54
CA ASP A 66 2.20 -12.50 3.60
C ASP A 66 0.96 -13.34 3.95
N ALA A 67 1.01 -14.64 3.63
CA ALA A 67 0.01 -15.61 4.09
C ALA A 67 -1.41 -15.25 3.62
N GLU A 68 -1.53 -14.94 2.33
CA GLU A 68 -2.78 -15.09 1.61
C GLU A 68 -3.13 -16.60 1.56
N ILE A 69 -4.27 -16.93 0.97
CA ILE A 69 -4.71 -18.32 0.96
C ILE A 69 -3.99 -19.17 -0.09
N ARG A 70 -3.33 -18.54 -1.06
CA ARG A 70 -2.65 -19.24 -2.16
C ARG A 70 -1.64 -18.28 -2.78
N PRO A 71 -0.73 -18.79 -3.64
CA PRO A 71 0.23 -17.88 -4.28
C PRO A 71 -0.40 -16.81 -5.17
N TRP A 72 0.30 -15.70 -5.25
CA TRP A 72 -0.22 -14.50 -5.90
C TRP A 72 0.95 -13.66 -6.39
N CYS A 73 0.60 -12.60 -7.15
CA CYS A 73 1.61 -11.61 -7.54
C CYS A 73 0.95 -10.29 -7.87
N TYR A 74 1.71 -9.20 -7.81
CA TYR A 74 1.27 -7.95 -8.44
C TYR A 74 1.34 -8.18 -9.95
N THR A 75 0.53 -7.46 -10.75
CA THR A 75 0.53 -7.70 -12.21
C THR A 75 1.06 -6.53 -13.00
N MET A 76 1.48 -6.82 -14.23
CA MET A 76 1.96 -5.81 -15.15
C MET A 76 0.85 -4.98 -15.79
N ASP A 77 -0.41 -5.33 -15.55
CA ASP A 77 -1.51 -4.53 -16.02
C ASP A 77 -1.69 -3.39 -15.01
N PRO A 78 -1.53 -2.12 -15.43
CA PRO A 78 -1.68 -1.04 -14.43
C PRO A 78 -3.07 -0.97 -13.78
N SER A 79 -4.08 -1.55 -14.43
CA SER A 79 -5.45 -1.53 -13.89
CA SER A 79 -5.46 -1.57 -13.92
C SER A 79 -5.75 -2.72 -12.96
N VAL A 80 -4.81 -3.68 -12.84
CA VAL A 80 -5.02 -4.88 -11.99
C VAL A 80 -3.83 -5.00 -11.04
N ARG A 81 -4.06 -4.55 -9.80
CA ARG A 81 -2.96 -4.48 -8.85
C ARG A 81 -2.32 -5.84 -8.55
N TRP A 82 -3.13 -6.82 -8.13
CA TRP A 82 -2.62 -8.15 -7.83
C TRP A 82 -3.70 -9.19 -8.05
N GLU A 83 -3.25 -10.40 -8.33
CA GLU A 83 -4.16 -11.52 -8.55
C GLU A 83 -3.57 -12.79 -7.95
N TYR A 84 -4.44 -13.78 -7.71
CA TYR A 84 -3.94 -15.10 -7.47
C TYR A 84 -3.30 -15.68 -8.74
N CYS A 85 -2.22 -16.44 -8.55
CA CYS A 85 -1.60 -17.09 -9.68
C CYS A 85 -2.37 -18.28 -10.19
N ASN A 86 -2.12 -18.67 -11.44
CA ASN A 86 -2.76 -19.83 -12.02
C ASN A 86 -2.05 -21.14 -11.61
N LEU A 87 -2.09 -21.44 -10.33
CA LEU A 87 -1.52 -22.65 -9.75
C LEU A 87 -2.57 -23.26 -8.87
N THR A 88 -2.55 -24.58 -8.82
CA THR A 88 -3.43 -25.31 -7.90
C THR A 88 -2.62 -26.05 -6.84
N GLN A 89 -3.28 -26.47 -5.76
CA GLN A 89 -2.59 -27.22 -4.71
C GLN A 89 -2.21 -28.61 -5.24
N CYS A 90 -0.98 -29.01 -4.97
CA CYS A 90 -0.49 -30.36 -5.29
C CYS A 90 -1.35 -31.41 -4.62
N PRO A 91 -1.48 -32.60 -5.21
CA PRO A 91 -2.24 -33.67 -4.59
C PRO A 91 -1.76 -33.88 -3.16
N VAL A 92 -2.69 -33.96 -2.22
CA VAL A 92 -2.30 -34.09 -0.83
C VAL A 92 -2.15 -35.55 -0.46
N MET A 93 -1.40 -35.80 0.60
CA MET A 93 -1.34 -37.11 1.21
C MET A 93 -2.74 -37.59 1.60
N GLU A 94 -3.09 -38.78 1.16
CA GLU A 94 -4.33 -39.41 1.55
C GLU A 94 -3.87 -40.59 2.40
N SER A 95 -4.63 -40.86 3.46
CA SER A 95 -4.49 -42.08 4.31
C SER A 95 -4.17 -43.38 3.54
N ASP B 12 -2.97 28.35 11.45
CA ASP B 12 -3.41 26.92 11.50
C ASP B 12 -2.31 26.04 12.06
N CYS B 13 -2.72 25.06 12.86
CA CYS B 13 -1.79 24.22 13.61
C CYS B 13 -2.58 22.99 14.09
N TYR B 14 -1.88 21.99 14.57
CA TYR B 14 -2.53 20.79 15.12
C TYR B 14 -2.20 20.58 16.59
N HIS B 15 -3.12 19.91 17.29
CA HIS B 15 -2.91 19.52 18.71
C HIS B 15 -2.42 18.09 18.80
N GLY B 16 -1.67 17.77 19.85
CA GLY B 16 -1.17 16.40 20.05
C GLY B 16 -0.30 15.95 18.88
N ASP B 17 -0.57 14.74 18.38
CA ASP B 17 0.11 14.22 17.18
C ASP B 17 -0.71 14.51 15.92
N GLY B 18 -1.76 15.34 16.05
CA GLY B 18 -2.56 15.71 14.89
C GLY B 18 -3.59 14.73 14.41
N GLN B 19 -3.81 13.65 15.15
CA GLN B 19 -4.95 12.76 14.85
C GLN B 19 -6.29 13.51 14.91
N SER B 20 -6.37 14.54 15.75
CA SER B 20 -7.60 15.33 15.90
C SER B 20 -7.71 16.49 14.92
N TYR B 21 -6.67 16.72 14.10
CA TYR B 21 -6.72 17.89 13.20
C TYR B 21 -7.84 17.74 12.18
N ARG B 22 -8.66 18.78 12.06
CA ARG B 22 -9.83 18.74 11.19
C ARG B 22 -9.97 20.01 10.33
N GLY B 23 -8.88 20.75 10.23
CA GLY B 23 -8.88 21.95 9.35
C GLY B 23 -8.77 21.63 7.87
N SER B 24 -8.63 22.69 7.06
CA SER B 24 -8.61 22.50 5.61
CA SER B 24 -8.62 22.60 5.61
C SER B 24 -7.22 22.65 5.00
N PHE B 25 -6.16 22.67 5.82
CA PHE B 25 -4.82 22.76 5.23
C PHE B 25 -4.59 21.50 4.37
N SER B 26 -3.97 21.65 3.20
CA SER B 26 -3.94 20.55 2.21
C SER B 26 -2.66 20.57 1.39
N THR B 27 -1.56 21.11 1.93
CA THR B 27 -0.29 21.13 1.20
C THR B 27 0.87 20.65 2.06
N THR B 28 1.91 20.19 1.39
CA THR B 28 2.97 19.49 2.08
C THR B 28 4.14 20.38 2.46
N VAL B 29 5.06 19.81 3.22
CA VAL B 29 6.27 20.53 3.63
C VAL B 29 7.14 20.99 2.45
N THR B 30 6.96 20.39 1.26
CA THR B 30 7.73 20.83 0.08
C THR B 30 6.86 21.61 -0.90
N GLY B 31 5.66 21.99 -0.48
CA GLY B 31 4.75 22.75 -1.35
C GLY B 31 4.09 21.94 -2.44
N ARG B 32 3.92 20.64 -2.21
CA ARG B 32 3.11 19.81 -3.11
C ARG B 32 1.66 19.79 -2.64
N THR B 33 0.78 19.49 -3.59
CA THR B 33 -0.66 19.45 -3.33
C THR B 33 -1.06 18.06 -2.84
N CYS B 34 -1.84 18.01 -1.77
CA CYS B 34 -2.34 16.70 -1.31
C CYS B 34 -3.34 16.08 -2.30
N GLN B 35 -3.27 14.76 -2.41
CA GLN B 35 -4.24 13.95 -3.15
C GLN B 35 -5.48 13.73 -2.29
N SER B 36 -6.65 13.69 -2.93
CA SER B 36 -7.87 13.36 -2.21
C SER B 36 -7.82 11.94 -1.66
N TRP B 37 -8.24 11.79 -0.41
CA TRP B 37 -8.28 10.47 0.26
C TRP B 37 -9.12 9.46 -0.49
N SER B 38 -10.18 9.93 -1.13
CA SER B 38 -11.06 8.98 -1.83
C SER B 38 -10.50 8.54 -3.19
N SER B 39 -9.50 9.27 -3.70
CA SER B 39 -8.89 8.95 -4.98
C SER B 39 -7.77 7.93 -4.87
N MET B 40 -7.64 7.08 -5.89
CA MET B 40 -6.52 6.15 -6.01
C MET B 40 -5.48 6.63 -7.01
N THR B 41 -5.56 7.89 -7.42
CA THR B 41 -4.66 8.41 -8.43
C THR B 41 -4.08 9.76 -7.95
N PRO B 42 -2.78 10.01 -8.10
CA PRO B 42 -1.80 9.07 -8.64
C PRO B 42 -1.42 7.88 -7.76
N HIS B 43 -1.72 7.93 -6.46
CA HIS B 43 -1.30 6.85 -5.57
C HIS B 43 -2.43 5.98 -5.11
N TRP B 44 -2.28 4.68 -5.33
CA TRP B 44 -3.21 3.71 -4.80
C TRP B 44 -2.92 3.58 -3.30
N HIS B 45 -3.96 3.48 -2.49
CA HIS B 45 -3.79 3.35 -1.03
C HIS B 45 -5.04 2.80 -0.37
N GLN B 46 -4.93 2.52 0.92
CA GLN B 46 -6.06 2.04 1.74
C GLN B 46 -6.34 2.95 2.96
N ARG B 47 -6.01 4.25 2.84
CA ARG B 47 -6.38 5.22 3.87
C ARG B 47 -7.57 6.02 3.37
N THR B 48 -8.71 5.34 3.30
CA THR B 48 -9.97 5.96 2.87
C THR B 48 -10.86 6.09 4.11
N THR B 49 -11.92 6.88 3.97
CA THR B 49 -12.85 7.09 5.06
C THR B 49 -13.57 5.80 5.50
N GLU B 50 -13.75 4.85 4.58
CA GLU B 50 -14.31 3.55 4.95
C GLU B 50 -13.35 2.71 5.82
N TYR B 51 -12.07 2.72 5.49
CA TYR B 51 -11.09 1.95 6.24
C TYR B 51 -10.81 2.61 7.59
N TYR B 52 -10.79 3.96 7.63
CA TYR B 52 -10.47 4.72 8.85
C TYR B 52 -11.59 5.71 9.13
N PRO B 53 -12.74 5.20 9.62
CA PRO B 53 -13.90 6.09 9.76
C PRO B 53 -13.73 7.16 10.84
N ASN B 54 -12.78 6.99 11.75
CA ASN B 54 -12.52 8.01 12.78
C ASN B 54 -11.50 9.01 12.35
N GLY B 55 -11.04 8.96 11.09
CA GLY B 55 -9.92 9.79 10.67
C GLY B 55 -10.26 11.15 10.10
N GLY B 56 -11.54 11.45 9.88
CA GLY B 56 -11.89 12.72 9.27
C GLY B 56 -11.41 12.87 7.85
N LEU B 57 -11.34 11.75 7.12
CA LEU B 57 -10.73 11.76 5.79
C LEU B 57 -11.70 12.29 4.75
N THR B 58 -11.56 13.56 4.43
CA THR B 58 -12.46 14.26 3.53
C THR B 58 -11.61 15.11 2.61
N ARG B 59 -12.10 15.26 1.37
CA ARG B 59 -11.42 16.07 0.35
C ARG B 59 -9.96 15.65 0.31
N ASN B 60 -9.02 16.60 0.29
CA ASN B 60 -7.59 16.30 0.28
C ASN B 60 -6.92 16.96 1.48
N TYR B 61 -7.68 17.09 2.56
CA TYR B 61 -7.13 17.82 3.71
C TYR B 61 -6.15 16.99 4.52
N CYS B 62 -5.11 17.64 5.04
CA CYS B 62 -4.11 16.96 5.86
C CYS B 62 -4.77 16.28 7.04
N ARG B 63 -4.44 15.02 7.27
CA ARG B 63 -5.01 14.25 8.37
C ARG B 63 -3.98 13.30 8.95
N ASN B 64 -4.37 12.49 9.94
CA ASN B 64 -3.45 11.55 10.48
C ASN B 64 -4.21 10.31 10.94
N PRO B 65 -4.74 9.54 9.99
CA PRO B 65 -5.70 8.48 10.36
C PRO B 65 -5.07 7.26 11.01
N ASP B 66 -3.77 7.09 10.76
CA ASP B 66 -3.07 5.87 11.14
C ASP B 66 -1.93 6.15 12.11
N ALA B 67 -2.01 7.26 12.85
CA ALA B 67 -1.11 7.55 13.96
C ALA B 67 0.36 7.58 13.55
N GLU B 68 0.64 8.28 12.44
CA GLU B 68 1.97 8.86 12.20
C GLU B 68 2.25 9.91 13.28
N ILE B 69 3.43 10.52 13.24
CA ILE B 69 3.82 11.46 14.29
C ILE B 69 3.16 12.85 14.14
N ARG B 70 2.64 13.15 12.94
CA ARG B 70 2.05 14.45 12.64
C ARG B 70 1.17 14.29 11.40
N PRO B 71 0.34 15.31 11.07
CA PRO B 71 -0.51 15.20 9.88
C PRO B 71 0.27 15.08 8.57
N TRP B 72 -0.35 14.38 7.63
CA TRP B 72 0.28 13.99 6.38
C TRP B 72 -0.77 13.85 5.29
N CYS B 73 -0.29 13.65 4.06
CA CYS B 73 -1.21 13.29 2.96
C CYS B 73 -0.44 12.58 1.87
N TYR B 74 -1.15 11.84 1.03
CA TYR B 74 -0.58 11.43 -0.26
C TYR B 74 -0.50 12.66 -1.15
N THR B 75 0.43 12.71 -2.10
CA THR B 75 0.58 13.92 -2.93
C THR B 75 0.18 13.72 -4.38
N MET B 76 -0.15 14.82 -5.03
CA MET B 76 -0.45 14.82 -6.45
C MET B 76 0.76 14.64 -7.37
N ASP B 77 1.98 14.64 -6.83
CA ASP B 77 3.16 14.38 -7.60
C ASP B 77 3.29 12.86 -7.70
N PRO B 78 3.23 12.29 -8.93
CA PRO B 78 3.33 10.82 -9.01
C PRO B 78 4.65 10.25 -8.45
N SER B 79 5.69 11.08 -8.37
CA SER B 79 6.98 10.61 -7.86
CA SER B 79 7.00 10.67 -7.85
C SER B 79 7.11 10.71 -6.33
N VAL B 80 6.12 11.34 -5.66
CA VAL B 80 6.18 11.54 -4.19
C VAL B 80 4.91 10.99 -3.58
N ARG B 81 5.00 9.78 -3.04
CA ARG B 81 3.81 9.07 -2.56
C ARG B 81 3.08 9.84 -1.45
N TRP B 82 3.78 10.15 -0.37
CA TRP B 82 3.20 10.91 0.72
C TRP B 82 4.25 11.73 1.45
N GLU B 83 3.78 12.79 2.08
CA GLU B 83 4.65 13.68 2.85
C GLU B 83 3.93 14.14 4.10
N TYR B 84 4.71 14.61 5.09
CA TYR B 84 4.12 15.37 6.17
C TYR B 84 3.61 16.72 5.63
N CYS B 85 2.49 17.16 6.20
CA CYS B 85 1.94 18.46 5.81
C CYS B 85 2.71 19.62 6.43
N ASN B 86 2.59 20.80 5.83
CA ASN B 86 3.24 22.00 6.35
C ASN B 86 2.43 22.64 7.47
N LEU B 87 2.32 21.91 8.58
CA LEU B 87 1.60 22.35 9.76
C LEU B 87 2.51 22.09 10.93
N THR B 88 2.44 22.97 11.93
CA THR B 88 3.16 22.76 13.17
C THR B 88 2.20 22.55 14.35
N GLN B 89 2.72 22.03 15.46
CA GLN B 89 1.89 21.80 16.64
C GLN B 89 1.49 23.16 17.24
N CYS B 90 0.21 23.30 17.60
CA CYS B 90 -0.30 24.50 18.28
C CYS B 90 0.45 24.71 19.59
N PRO B 91 0.59 25.96 20.04
CA PRO B 91 1.24 26.19 21.33
C PRO B 91 0.60 25.31 22.41
N VAL B 92 1.41 24.66 23.22
CA VAL B 92 0.86 23.73 24.22
C VAL B 92 0.58 24.48 25.51
N MET B 93 -0.29 23.92 26.34
CA MET B 93 -0.51 24.40 27.70
C MET B 93 0.81 24.38 28.47
N GLU B 94 1.15 25.51 29.06
CA GLU B 94 2.33 25.60 29.89
C GLU B 94 1.76 25.81 31.29
N SER B 95 2.45 25.26 32.28
CA SER B 95 2.15 25.46 33.71
C SER B 95 1.90 26.94 34.11
#